data_6EJL
#
_entry.id   6EJL
#
_cell.length_a   74.980
_cell.length_b   93.427
_cell.length_c   68.491
_cell.angle_alpha   90.00
_cell.angle_beta   99.74
_cell.angle_gamma   90.00
#
_symmetry.space_group_name_H-M   'C 1 2 1'
#
loop_
_entity.id
_entity.type
_entity.pdbx_description
1 polymer '14-3-3 protein zeta/delta'
2 polymer 'Mitogen-activated protein kinase kinase kinase 5'
3 water water
#
loop_
_entity_poly.entity_id
_entity_poly.type
_entity_poly.pdbx_seq_one_letter_code
_entity_poly.pdbx_strand_id
1 'polypeptide(L)'
;GSHMDKNELVQKAKLAEQAERYDDMAACMKSVTEQGAELSNEERNLLSVAYKNVVGARRSSWRVVSSIEQKTEGAEKKQQ
MAREYREKIETELRDICNDVLSLLEKFLIPNASQAESKVFYLKMKGDYYRYLAEVAAGDDKKGIVDQSQQAYQEAFEISK
KEMQPTHPIRLGLALNFSVFYYEILNSPEKACSLAKTAFDEAIAELDTLSEESYKDSTLIMQLLRDNLTLWTS
;
A,B
2 'polypeptide(L)' RSI(SEP)LPVP C,D
#
# COMPACT_ATOMS: atom_id res chain seq x y z
N MET A 4 13.13 21.85 7.63
CA MET A 4 13.06 22.94 6.68
C MET A 4 11.89 23.88 6.98
N ASP A 5 11.51 24.71 6.01
CA ASP A 5 10.34 25.57 6.16
C ASP A 5 9.08 24.70 6.26
N LYS A 6 8.21 25.05 7.23
CA LYS A 6 6.96 24.33 7.43
C LYS A 6 6.16 24.23 6.13
N ASN A 7 6.18 25.30 5.34
CA ASN A 7 5.40 25.30 4.11
C ASN A 7 5.99 24.39 3.04
N GLU A 8 7.29 24.10 3.11
CA GLU A 8 7.84 23.08 2.22
C GLU A 8 7.40 21.69 2.66
N LEU A 9 7.43 21.44 3.98
CA LEU A 9 7.00 20.16 4.51
C LEU A 9 5.52 19.93 4.24
N VAL A 10 4.71 21.00 4.31
CA VAL A 10 3.28 20.86 4.05
C VAL A 10 3.04 20.54 2.57
N GLN A 11 3.83 21.14 1.69
CA GLN A 11 3.65 20.89 0.26
C GLN A 11 4.03 19.45 -0.09
N LYS A 12 5.12 18.94 0.51
CA LYS A 12 5.50 17.55 0.25
C LYS A 12 4.51 16.58 0.89
N ALA A 13 3.83 17.00 1.95
CA ALA A 13 2.81 16.14 2.57
C ALA A 13 1.64 15.92 1.62
N LYS A 14 1.30 16.95 0.82
CA LYS A 14 0.21 16.81 -0.14
C LYS A 14 0.66 16.07 -1.39
N LEU A 15 1.90 16.28 -1.82
CA LEU A 15 2.46 15.46 -2.90
C LEU A 15 2.55 14.00 -2.47
N ALA A 16 3.02 13.77 -1.23
CA ALA A 16 3.04 12.42 -0.68
C ALA A 16 1.65 11.80 -0.69
N GLU A 17 0.62 12.58 -0.33
CA GLU A 17 -0.75 12.04 -0.29
C GLU A 17 -1.25 11.69 -1.69
N GLN A 18 -0.90 12.49 -2.70
CA GLN A 18 -1.27 12.17 -4.06
C GLN A 18 -0.58 10.89 -4.52
N ALA A 19 0.68 10.73 -4.12
CA ALA A 19 1.46 9.55 -4.44
C ALA A 19 1.05 8.33 -3.62
N GLU A 20 0.07 8.48 -2.72
CA GLU A 20 -0.32 7.43 -1.77
C GLU A 20 0.90 6.92 -1.00
N ARG A 21 1.77 7.83 -0.61
CA ARG A 21 2.95 7.51 0.17
C ARG A 21 2.76 8.04 1.60
N TYR A 22 1.85 7.39 2.32
CA TYR A 22 1.38 7.93 3.59
C TYR A 22 2.44 7.89 4.68
N ASP A 23 3.43 7.01 4.58
CA ASP A 23 4.52 7.11 5.54
C ASP A 23 5.26 8.42 5.38
N ASP A 24 5.53 8.81 4.11
CA ASP A 24 6.09 10.14 3.84
C ASP A 24 5.18 11.23 4.39
N MET A 25 3.87 11.12 4.13
CA MET A 25 2.93 12.16 4.54
C MET A 25 2.98 12.36 6.05
N ALA A 26 3.03 11.27 6.81
CA ALA A 26 3.06 11.37 8.27
C ALA A 26 4.38 11.97 8.74
N ALA A 27 5.50 11.54 8.18
CA ALA A 27 6.79 12.10 8.61
C ALA A 27 6.85 13.60 8.34
N CYS A 28 6.34 14.03 7.18
CA CYS A 28 6.28 15.46 6.90
C CYS A 28 5.49 16.19 7.98
N MET A 29 4.27 15.72 8.24
CA MET A 29 3.38 16.38 9.19
C MET A 29 3.85 16.21 10.62
N LYS A 30 4.58 15.13 10.90
CA LYS A 30 5.23 15.01 12.19
C LYS A 30 6.29 16.09 12.37
N SER A 31 7.06 16.38 11.31
CA SER A 31 8.07 17.44 11.38
C SER A 31 7.43 18.81 11.56
N VAL A 32 6.40 19.10 10.74
CA VAL A 32 5.64 20.35 10.88
C VAL A 32 5.17 20.51 12.31
N THR A 33 4.69 19.42 12.92
CA THR A 33 4.12 19.51 14.26
C THR A 33 5.19 19.77 15.31
N GLU A 34 6.34 19.09 15.20
CA GLU A 34 7.42 19.24 16.16
C GLU A 34 8.11 20.59 16.06
N GLN A 35 7.76 21.41 15.05
CA GLN A 35 8.24 22.78 15.00
C GLN A 35 7.63 23.65 16.10
N GLY A 36 6.45 23.29 16.60
CA GLY A 36 5.88 23.91 17.79
C GLY A 36 4.72 24.84 17.53
N ALA A 37 4.65 25.45 16.35
CA ALA A 37 3.50 26.28 16.02
C ALA A 37 2.27 25.41 15.82
N GLU A 38 1.12 25.89 16.30
CA GLU A 38 -0.09 25.13 16.11
C GLU A 38 -0.42 25.02 14.63
N LEU A 39 -1.19 23.98 14.31
CA LEU A 39 -1.53 23.66 12.94
C LEU A 39 -2.79 24.41 12.52
N SER A 40 -2.84 24.78 11.25
CA SER A 40 -4.07 25.26 10.64
C SER A 40 -5.05 24.10 10.48
N ASN A 41 -6.26 24.40 10.04
CA ASN A 41 -7.22 23.35 9.77
C ASN A 41 -6.74 22.45 8.65
N GLU A 42 -6.10 23.03 7.65
CA GLU A 42 -5.51 22.24 6.57
C GLU A 42 -4.42 21.32 7.09
N GLU A 43 -3.44 21.88 7.82
CA GLU A 43 -2.34 21.11 8.37
C GLU A 43 -2.83 20.05 9.35
N ARG A 44 -3.83 20.40 10.17
CA ARG A 44 -4.41 19.45 11.12
C ARG A 44 -5.04 18.27 10.40
N ASN A 45 -5.81 18.52 9.35
CA ASN A 45 -6.45 17.41 8.66
C ASN A 45 -5.47 16.60 7.84
N LEU A 46 -4.43 17.25 7.31
CA LEU A 46 -3.36 16.49 6.63
C LEU A 46 -2.66 15.56 7.61
N LEU A 47 -2.42 16.03 8.83
CA LEU A 47 -1.82 15.19 9.86
C LEU A 47 -2.68 13.96 10.12
N SER A 48 -3.98 14.19 10.28
CA SER A 48 -4.90 13.13 10.66
C SER A 48 -5.07 12.13 9.53
N VAL A 49 -5.17 12.60 8.28
CA VAL A 49 -5.23 11.70 7.14
C VAL A 49 -4.01 10.79 7.09
N ALA A 50 -2.82 11.39 7.26
CA ALA A 50 -1.57 10.66 7.17
C ALA A 50 -1.53 9.52 8.19
N TYR A 51 -1.79 9.86 9.45
CA TYR A 51 -1.66 8.86 10.49
C TYR A 51 -2.80 7.85 10.48
N LYS A 52 -3.99 8.26 10.00
CA LYS A 52 -5.08 7.31 9.86
C LYS A 52 -4.76 6.23 8.80
N ASN A 53 -4.21 6.65 7.66
CA ASN A 53 -3.79 5.68 6.65
C ASN A 53 -2.62 4.85 7.14
N VAL A 54 -1.63 5.49 7.76
CA VAL A 54 -0.46 4.78 8.27
C VAL A 54 -0.90 3.71 9.28
N VAL A 55 -1.65 4.10 10.30
CA VAL A 55 -2.06 3.08 11.26
C VAL A 55 -3.11 2.18 10.63
N GLY A 56 -3.96 2.73 9.74
CA GLY A 56 -4.97 1.93 9.07
C GLY A 56 -4.39 0.70 8.39
N ALA A 57 -3.29 0.88 7.65
CA ALA A 57 -2.63 -0.23 6.95
C ALA A 57 -2.22 -1.34 7.91
N ARG A 58 -1.77 -0.98 9.12
CA ARG A 58 -1.34 -2.00 10.07
C ARG A 58 -2.53 -2.65 10.77
N ARG A 59 -3.56 -1.87 11.12
CA ARG A 59 -4.76 -2.48 11.70
C ARG A 59 -5.33 -3.53 10.76
N SER A 60 -5.36 -3.23 9.46
CA SER A 60 -5.88 -4.17 8.48
C SER A 60 -4.98 -5.40 8.35
N SER A 61 -3.64 -5.21 8.41
CA SER A 61 -2.75 -6.36 8.36
C SER A 61 -2.89 -7.20 9.62
N TRP A 62 -3.09 -6.53 10.76
CA TRP A 62 -3.28 -7.21 12.03
C TRP A 62 -4.53 -8.07 12.00
N ARG A 63 -5.62 -7.52 11.45
CA ARG A 63 -6.85 -8.30 11.29
C ARG A 63 -6.62 -9.56 10.47
N VAL A 64 -5.99 -9.41 9.29
CA VAL A 64 -5.83 -10.55 8.39
C VAL A 64 -5.02 -11.65 9.07
N VAL A 65 -3.88 -11.29 9.67
CA VAL A 65 -2.98 -12.30 10.24
C VAL A 65 -3.60 -12.97 11.46
N SER A 66 -4.28 -12.20 12.34
CA SER A 66 -5.01 -12.81 13.46
C SER A 66 -6.01 -13.84 12.96
N SER A 67 -6.80 -13.47 11.96
CA SER A 67 -7.78 -14.41 11.45
C SER A 67 -7.12 -15.66 10.87
N ILE A 68 -5.94 -15.51 10.24
CA ILE A 68 -5.20 -16.70 9.83
C ILE A 68 -4.73 -17.47 11.06
N GLU A 69 -4.30 -16.76 12.09
CA GLU A 69 -3.86 -17.44 13.31
C GLU A 69 -5.00 -18.23 13.93
N GLN A 70 -6.22 -17.64 13.94
CA GLN A 70 -7.36 -18.31 14.56
C GLN A 70 -7.84 -19.49 13.73
N LYS A 71 -7.89 -19.34 12.41
CA LYS A 71 -8.35 -20.40 11.53
C LYS A 71 -7.35 -21.54 11.44
N THR A 72 -6.14 -21.39 11.97
CA THR A 72 -5.19 -22.49 11.98
C THR A 72 -5.05 -23.04 13.40
N ALA A 75 -3.03 -26.87 12.15
CA ALA A 75 -1.79 -26.80 11.39
C ALA A 75 -0.72 -26.01 12.15
N GLU A 76 0.05 -26.72 12.99
CA GLU A 76 0.91 -26.06 13.98
C GLU A 76 1.83 -25.01 13.35
N LYS A 77 2.50 -25.34 12.24
CA LYS A 77 3.55 -24.44 11.75
C LYS A 77 2.98 -23.14 11.22
N LYS A 78 1.98 -23.23 10.33
CA LYS A 78 1.31 -22.04 9.83
C LYS A 78 0.81 -21.16 10.97
N GLN A 79 0.38 -21.78 12.08
CA GLN A 79 -0.12 -21.00 13.21
C GLN A 79 1.01 -20.28 13.93
N GLN A 80 2.12 -20.97 14.21
CA GLN A 80 3.25 -20.32 14.85
C GLN A 80 3.79 -19.17 14.00
N MET A 81 3.76 -19.33 12.67
CA MET A 81 4.27 -18.27 11.80
C MET A 81 3.31 -17.08 11.78
N ALA A 82 2.00 -17.36 11.72
CA ALA A 82 0.99 -16.31 11.84
C ALA A 82 1.12 -15.59 13.18
N ARG A 83 1.32 -16.33 14.27
CA ARG A 83 1.44 -15.69 15.58
C ARG A 83 2.66 -14.76 15.64
N GLU A 84 3.80 -15.18 15.08
CA GLU A 84 4.98 -14.33 15.16
C GLU A 84 4.83 -13.10 14.29
N TYR A 85 4.26 -13.25 13.10
CA TYR A 85 4.04 -12.12 12.21
C TYR A 85 2.97 -11.17 12.77
N ARG A 86 1.96 -11.70 13.45
CA ARG A 86 1.04 -10.83 14.17
C ARG A 86 1.77 -9.95 15.18
N GLU A 87 2.74 -10.52 15.90
CA GLU A 87 3.47 -9.74 16.90
C GLU A 87 4.38 -8.71 16.26
N LYS A 88 4.94 -9.02 15.09
CA LYS A 88 5.76 -8.03 14.39
C LYS A 88 4.92 -6.82 13.99
N ILE A 89 3.75 -7.05 13.35
CA ILE A 89 2.82 -5.98 13.00
C ILE A 89 2.33 -5.23 14.24
N GLU A 90 1.96 -5.97 15.28
CA GLU A 90 1.51 -5.35 16.53
C GLU A 90 2.51 -4.33 17.05
N THR A 91 3.80 -4.64 16.97
CA THR A 91 4.84 -3.74 17.48
C THR A 91 4.92 -2.45 16.65
N GLU A 92 4.84 -2.55 15.32
CA GLU A 92 4.73 -1.34 14.48
C GLU A 92 3.48 -0.54 14.85
N LEU A 93 2.34 -1.24 15.02
CA LEU A 93 1.08 -0.61 15.35
C LEU A 93 1.21 0.24 16.61
N ARG A 94 1.77 -0.36 17.68
CA ARG A 94 1.95 0.38 18.93
C ARG A 94 2.93 1.53 18.76
N ASP A 95 4.02 1.33 18.01
CA ASP A 95 4.93 2.45 17.75
C ASP A 95 4.21 3.62 17.09
N ILE A 96 3.39 3.36 16.07
CA ILE A 96 2.67 4.43 15.38
C ILE A 96 1.72 5.15 16.35
N CYS A 97 0.94 4.38 17.12
CA CYS A 97 0.05 4.95 18.11
C CYS A 97 0.82 5.77 19.15
N ASN A 98 1.90 5.21 19.68
CA ASN A 98 2.72 5.96 20.63
C ASN A 98 3.31 7.22 19.99
N ASP A 99 3.67 7.15 18.72
CA ASP A 99 4.15 8.32 17.98
C ASP A 99 3.08 9.42 17.96
N VAL A 100 1.85 9.05 17.59
CA VAL A 100 0.78 10.03 17.49
C VAL A 100 0.43 10.57 18.87
N LEU A 101 0.26 9.66 19.83
CA LEU A 101 -0.11 10.05 21.17
C LEU A 101 0.92 11.01 21.78
N SER A 102 2.20 10.84 21.46
CA SER A 102 3.20 11.74 22.00
C SER A 102 3.06 13.14 21.39
N LEU A 103 2.83 13.21 20.08
CA LEU A 103 2.63 14.50 19.43
C LEU A 103 1.41 15.20 20.01
N LEU A 104 0.32 14.46 20.22
CA LEU A 104 -0.89 15.02 20.79
C LEU A 104 -0.64 15.56 22.19
N GLU A 105 0.11 14.81 23.01
CA GLU A 105 0.32 15.19 24.40
C GLU A 105 1.31 16.34 24.53
N LYS A 106 2.36 16.35 23.71
CA LYS A 106 3.45 17.31 23.87
C LYS A 106 3.27 18.58 23.05
N PHE A 107 2.58 18.51 21.90
CA PHE A 107 2.46 19.70 21.06
C PHE A 107 1.02 20.11 20.78
N LEU A 108 0.11 19.17 20.48
CA LEU A 108 -1.13 19.59 19.84
C LEU A 108 -2.21 19.98 20.86
N ILE A 109 -2.46 19.14 21.85
CA ILE A 109 -3.44 19.45 22.88
C ILE A 109 -2.97 20.64 23.73
N PRO A 110 -1.69 20.69 24.19
CA PRO A 110 -1.27 21.84 25.02
C PRO A 110 -1.31 23.19 24.33
N ASN A 111 -1.00 23.24 23.04
CA ASN A 111 -0.86 24.50 22.33
C ASN A 111 -2.12 24.94 21.60
N ALA A 112 -3.18 24.14 21.61
CA ALA A 112 -4.36 24.49 20.81
C ALA A 112 -5.05 25.71 21.42
N SER A 113 -5.02 26.83 20.71
CA SER A 113 -5.80 28.01 21.08
C SER A 113 -7.26 27.94 20.62
N GLN A 114 -7.64 26.94 19.81
CA GLN A 114 -8.97 26.85 19.22
C GLN A 114 -9.73 25.67 19.83
N ALA A 115 -10.92 25.94 20.36
CA ALA A 115 -11.73 24.89 20.98
C ALA A 115 -11.96 23.73 20.04
N GLU A 116 -12.21 24.05 18.76
CA GLU A 116 -12.46 23.04 17.75
C GLU A 116 -11.25 22.13 17.56
N SER A 117 -10.06 22.71 17.53
CA SER A 117 -8.85 21.91 17.45
C SER A 117 -8.64 21.09 18.70
N LYS A 118 -8.96 21.66 19.87
CA LYS A 118 -8.85 20.90 21.10
C LYS A 118 -9.77 19.69 21.06
N VAL A 119 -10.99 19.86 20.55
CA VAL A 119 -11.89 18.72 20.45
C VAL A 119 -11.37 17.72 19.42
N PHE A 120 -10.88 18.23 18.28
CA PHE A 120 -10.31 17.38 17.25
C PHE A 120 -9.16 16.54 17.79
N TYR A 121 -8.28 17.14 18.59
CA TYR A 121 -7.12 16.44 19.11
C TYR A 121 -7.49 15.50 20.24
N LEU A 122 -8.47 15.86 21.08
CA LEU A 122 -8.86 14.94 22.12
C LEU A 122 -9.60 13.73 21.55
N LYS A 123 -10.41 13.94 20.50
CA LYS A 123 -11.00 12.81 19.77
C LYS A 123 -9.91 11.89 19.22
N MET A 124 -8.83 12.48 18.69
CA MET A 124 -7.74 11.75 18.08
C MET A 124 -6.97 10.93 19.12
N LYS A 125 -6.81 11.49 20.32
CA LYS A 125 -6.17 10.73 21.39
C LYS A 125 -7.04 9.56 21.83
N GLY A 126 -8.36 9.75 21.86
CA GLY A 126 -9.25 8.62 22.10
C GLY A 126 -9.16 7.57 21.01
N ASP A 127 -9.05 8.02 19.75
CA ASP A 127 -8.93 7.10 18.63
C ASP A 127 -7.70 6.20 18.77
N TYR A 128 -6.54 6.80 18.97
CA TYR A 128 -5.33 5.99 18.94
C TYR A 128 -5.16 5.15 20.20
N TYR A 129 -5.68 5.60 21.36
CA TYR A 129 -5.79 4.67 22.49
C TYR A 129 -6.75 3.53 22.19
N ARG A 130 -7.84 3.82 21.48
CA ARG A 130 -8.73 2.74 21.06
C ARG A 130 -8.01 1.75 20.12
N TYR A 131 -7.10 2.23 19.27
CA TYR A 131 -6.41 1.28 18.41
C TYR A 131 -5.46 0.43 19.22
N LEU A 132 -4.78 1.05 20.20
CA LEU A 132 -3.99 0.28 21.16
C LEU A 132 -4.84 -0.78 21.85
N ALA A 133 -6.08 -0.42 22.20
CA ALA A 133 -6.92 -1.33 22.96
C ALA A 133 -7.43 -2.50 22.12
N GLU A 134 -7.45 -2.35 20.80
CA GLU A 134 -7.90 -3.42 19.92
C GLU A 134 -6.97 -4.62 19.98
N VAL A 135 -5.72 -4.42 20.40
CA VAL A 135 -4.66 -5.43 20.37
C VAL A 135 -4.00 -5.59 21.73
N ALA A 136 -4.52 -4.93 22.76
CA ALA A 136 -3.82 -4.90 24.04
C ALA A 136 -4.12 -6.11 24.92
N ASP A 140 -2.86 -4.13 31.55
CA ASP A 140 -2.35 -3.27 30.48
C ASP A 140 -3.49 -2.69 29.64
N LYS A 141 -4.40 -3.59 29.25
CA LYS A 141 -5.53 -3.18 28.42
C LYS A 141 -6.49 -2.30 29.20
N LYS A 142 -6.72 -2.61 30.47
CA LYS A 142 -7.60 -1.76 31.29
C LYS A 142 -7.08 -0.34 31.33
N GLY A 143 -5.76 -0.16 31.45
CA GLY A 143 -5.21 1.18 31.48
C GLY A 143 -5.40 1.91 30.16
N ILE A 144 -5.13 1.23 29.06
CA ILE A 144 -5.29 1.86 27.75
C ILE A 144 -6.75 2.19 27.50
N VAL A 145 -7.66 1.28 27.87
CA VAL A 145 -9.09 1.53 27.67
C VAL A 145 -9.56 2.74 28.48
N ASP A 146 -9.00 2.94 29.68
CA ASP A 146 -9.34 4.11 30.49
C ASP A 146 -8.81 5.38 29.85
N GLN A 147 -7.59 5.33 29.30
CA GLN A 147 -7.05 6.48 28.58
C GLN A 147 -7.94 6.86 27.39
N SER A 148 -8.48 5.87 26.68
CA SER A 148 -9.38 6.15 25.56
C SER A 148 -10.69 6.77 26.04
N GLN A 149 -11.32 6.16 27.05
CA GLN A 149 -12.58 6.71 27.54
C GLN A 149 -12.41 8.14 28.03
N GLN A 150 -11.34 8.43 28.77
CA GLN A 150 -11.22 9.77 29.35
C GLN A 150 -10.95 10.82 28.28
N ALA A 151 -10.16 10.48 27.26
CA ALA A 151 -9.94 11.43 26.18
C ALA A 151 -11.22 11.71 25.40
N TYR A 152 -12.00 10.66 25.13
CA TYR A 152 -13.25 10.82 24.40
C TYR A 152 -14.21 11.70 25.18
N GLN A 153 -14.26 11.48 26.51
CA GLN A 153 -15.23 12.14 27.36
C GLN A 153 -14.93 13.63 27.50
N GLU A 154 -13.66 13.97 27.78
CA GLU A 154 -13.27 15.37 27.79
C GLU A 154 -13.60 16.03 26.44
N ALA A 155 -13.24 15.35 25.33
CA ALA A 155 -13.54 15.89 24.01
C ALA A 155 -15.03 16.11 23.85
N PHE A 156 -15.81 15.17 24.32
CA PHE A 156 -17.25 15.27 24.19
C PHE A 156 -17.80 16.45 25.00
N GLU A 157 -17.28 16.64 26.22
CA GLU A 157 -17.78 17.71 27.08
C GLU A 157 -17.48 19.08 26.48
N ILE A 158 -16.27 19.28 25.97
CA ILE A 158 -15.96 20.55 25.32
C ILE A 158 -16.84 20.74 24.09
N SER A 159 -17.13 19.65 23.36
CA SER A 159 -17.87 19.78 22.11
C SER A 159 -19.32 20.18 22.37
N LYS A 160 -19.90 19.70 23.46
CA LYS A 160 -21.25 20.13 23.82
C LYS A 160 -21.27 21.59 24.22
N LYS A 161 -20.16 22.09 24.74
CA LYS A 161 -20.05 23.47 25.20
C LYS A 161 -19.63 24.44 24.09
N GLU A 162 -19.01 23.96 23.02
CA GLU A 162 -18.44 24.86 22.03
C GLU A 162 -19.04 24.73 20.64
N MET A 163 -19.75 23.65 20.33
CA MET A 163 -20.19 23.40 18.97
C MET A 163 -21.67 23.04 18.95
N GLN A 164 -22.29 23.31 17.80
CA GLN A 164 -23.67 22.90 17.56
C GLN A 164 -23.71 21.40 17.26
N PRO A 165 -24.80 20.72 17.62
CA PRO A 165 -24.87 19.27 17.43
C PRO A 165 -24.78 18.82 15.98
N THR A 166 -24.83 19.73 15.02
CA THR A 166 -24.64 19.44 13.61
C THR A 166 -23.21 19.65 13.14
N HIS A 167 -22.34 20.15 14.00
CA HIS A 167 -20.93 20.34 13.62
C HIS A 167 -20.31 18.99 13.26
N PRO A 168 -19.64 18.88 12.10
CA PRO A 168 -19.05 17.57 11.73
C PRO A 168 -18.00 17.05 12.69
N ILE A 169 -17.24 17.92 13.35
CA ILE A 169 -16.25 17.43 14.31
C ILE A 169 -16.95 16.80 15.51
N ARG A 170 -17.98 17.46 16.02
CA ARG A 170 -18.77 16.89 17.11
C ARG A 170 -19.45 15.59 16.70
N LEU A 171 -20.14 15.61 15.55
CA LEU A 171 -20.81 14.41 15.06
C LEU A 171 -19.83 13.26 14.90
N GLY A 172 -18.63 13.54 14.38
CA GLY A 172 -17.66 12.48 14.20
C GLY A 172 -17.14 11.97 15.52
N LEU A 173 -17.04 12.85 16.51
CA LEU A 173 -16.60 12.42 17.84
C LEU A 173 -17.62 11.48 18.46
N ALA A 174 -18.91 11.81 18.33
CA ALA A 174 -19.95 10.94 18.86
C ALA A 174 -19.96 9.60 18.15
N LEU A 175 -19.72 9.61 16.84
CA LEU A 175 -19.60 8.35 16.11
C LEU A 175 -18.53 7.46 16.73
N ASN A 176 -17.29 7.95 16.83
CA ASN A 176 -16.19 7.12 17.32
C ASN A 176 -16.35 6.76 18.81
N PHE A 177 -16.90 7.67 19.63
CA PHE A 177 -17.11 7.37 21.05
C PHE A 177 -18.10 6.24 21.23
N SER A 178 -19.15 6.20 20.39
CA SER A 178 -20.13 5.12 20.46
C SER A 178 -19.57 3.80 19.92
N VAL A 179 -18.76 3.87 18.85
CA VAL A 179 -17.97 2.70 18.45
C VAL A 179 -17.10 2.22 19.62
N PHE A 180 -16.41 3.15 20.28
CA PHE A 180 -15.64 2.75 21.47
C PHE A 180 -16.51 2.01 22.49
N TYR A 181 -17.72 2.51 22.77
CA TYR A 181 -18.57 1.86 23.76
C TYR A 181 -19.02 0.49 23.28
N TYR A 182 -19.43 0.37 22.01
CA TYR A 182 -19.93 -0.91 21.51
C TYR A 182 -18.82 -1.96 21.40
N GLU A 183 -17.67 -1.57 20.84
CA GLU A 183 -16.63 -2.54 20.46
C GLU A 183 -15.57 -2.75 21.52
N ILE A 184 -15.23 -1.73 22.31
CA ILE A 184 -14.16 -1.83 23.29
C ILE A 184 -14.70 -2.08 24.70
N LEU A 185 -15.84 -1.50 25.03
CA LEU A 185 -16.45 -1.69 26.32
C LEU A 185 -17.53 -2.76 26.31
N ASN A 186 -17.88 -3.29 25.14
CA ASN A 186 -18.96 -4.28 25.01
C ASN A 186 -20.21 -3.80 25.74
N SER A 187 -20.61 -2.59 25.42
CA SER A 187 -21.68 -1.87 26.12
C SER A 187 -22.63 -1.33 25.07
N PRO A 188 -23.46 -2.18 24.48
CA PRO A 188 -24.31 -1.72 23.36
C PRO A 188 -25.28 -0.62 23.76
N GLU A 189 -25.84 -0.68 24.97
CA GLU A 189 -26.86 0.28 25.36
C GLU A 189 -26.28 1.68 25.43
N LYS A 190 -25.10 1.85 26.02
CA LYS A 190 -24.49 3.18 26.02
C LYS A 190 -24.10 3.61 24.61
N ALA A 191 -23.56 2.68 23.82
CA ALA A 191 -23.28 2.98 22.42
C ALA A 191 -24.53 3.49 21.71
N CYS A 192 -25.62 2.73 21.82
CA CYS A 192 -26.85 3.13 21.15
C CYS A 192 -27.38 4.44 21.70
N SER A 193 -27.29 4.62 23.02
CA SER A 193 -27.81 5.83 23.64
C SER A 193 -27.02 7.05 23.17
N LEU A 194 -25.69 6.92 23.09
CA LEU A 194 -24.88 8.04 22.63
C LEU A 194 -25.17 8.36 21.16
N ALA A 195 -25.30 7.35 20.32
CA ALA A 195 -25.48 7.59 18.88
C ALA A 195 -26.87 8.14 18.58
N LYS A 196 -27.92 7.63 19.25
CA LYS A 196 -29.27 8.13 19.00
C LYS A 196 -29.42 9.59 19.43
N THR A 197 -28.92 9.94 20.62
CA THR A 197 -28.98 11.32 21.08
C THR A 197 -28.23 12.26 20.14
N ALA A 198 -27.03 11.85 19.69
CA ALA A 198 -26.27 12.68 18.77
C ALA A 198 -26.98 12.84 17.44
N PHE A 199 -27.63 11.79 16.95
CA PHE A 199 -28.34 11.90 15.68
C PHE A 199 -29.57 12.79 15.83
N ASP A 200 -30.39 12.52 16.85
CA ASP A 200 -31.62 13.28 17.08
C ASP A 200 -31.34 14.76 17.27
N GLU A 201 -30.31 15.10 18.05
CA GLU A 201 -30.03 16.52 18.26
C GLU A 201 -29.56 17.18 16.98
N ALA A 202 -28.80 16.47 16.16
CA ALA A 202 -28.40 17.05 14.88
C ALA A 202 -29.62 17.26 13.98
N ILE A 203 -30.50 16.26 13.92
CA ILE A 203 -31.61 16.33 12.96
C ILE A 203 -32.58 17.44 13.35
N ALA A 204 -32.76 17.67 14.65
CA ALA A 204 -33.62 18.76 15.11
C ALA A 204 -33.13 20.12 14.66
N GLU A 205 -31.88 20.25 14.20
CA GLU A 205 -31.30 21.55 13.88
C GLU A 205 -30.67 21.60 12.49
N LEU A 206 -30.95 20.62 11.65
CA LEU A 206 -30.42 20.63 10.29
C LEU A 206 -30.88 21.87 9.52
N ASP A 207 -32.11 22.33 9.80
CA ASP A 207 -32.70 23.45 9.08
C ASP A 207 -31.80 24.66 9.00
N THR A 208 -30.85 24.81 9.94
CA THR A 208 -29.98 25.98 9.97
C THR A 208 -28.51 25.60 9.86
N LEU A 209 -28.21 24.43 9.31
CA LEU A 209 -26.82 24.06 9.06
C LEU A 209 -26.34 24.66 7.73
N SER A 210 -25.13 25.22 7.76
CA SER A 210 -24.56 25.83 6.56
C SER A 210 -24.42 24.81 5.45
N GLU A 211 -24.77 25.24 4.22
CA GLU A 211 -24.68 24.37 3.05
C GLU A 211 -23.26 23.86 2.84
N GLU A 212 -22.26 24.58 3.34
CA GLU A 212 -20.87 24.16 3.15
C GLU A 212 -20.56 22.89 3.93
N SER A 213 -21.15 22.72 5.12
CA SER A 213 -20.88 21.54 5.93
C SER A 213 -21.99 20.51 5.87
N TYR A 214 -23.06 20.76 5.11
CA TYR A 214 -24.23 19.88 5.11
C TYR A 214 -23.86 18.48 4.64
N LYS A 215 -23.07 18.38 3.59
CA LYS A 215 -22.70 17.06 3.09
C LYS A 215 -21.97 16.26 4.16
N ASP A 216 -20.90 16.85 4.72
CA ASP A 216 -20.11 16.16 5.73
C ASP A 216 -20.95 15.80 6.95
N SER A 217 -21.85 16.70 7.39
CA SER A 217 -22.64 16.43 8.58
C SER A 217 -23.67 15.32 8.35
N THR A 218 -24.46 15.42 7.29
CA THR A 218 -25.44 14.36 7.00
C THR A 218 -24.74 13.03 6.72
N LEU A 219 -23.57 13.07 6.07
CA LEU A 219 -22.79 11.85 5.85
C LEU A 219 -22.49 11.14 7.18
N ILE A 220 -21.98 11.87 8.17
CA ILE A 220 -21.68 11.25 9.47
C ILE A 220 -22.96 10.80 10.15
N MET A 221 -24.04 11.60 10.03
CA MET A 221 -25.33 11.20 10.57
C MET A 221 -25.78 9.89 9.96
N GLN A 222 -25.57 9.73 8.65
CA GLN A 222 -25.87 8.47 8.00
C GLN A 222 -25.11 7.33 8.65
N LEU A 223 -23.81 7.53 8.91
CA LEU A 223 -23.01 6.50 9.55
C LEU A 223 -23.52 6.16 10.96
N LEU A 224 -23.98 7.18 11.71
CA LEU A 224 -24.53 6.91 13.04
C LEU A 224 -25.73 5.99 12.94
N ARG A 225 -26.64 6.30 12.00
CA ARG A 225 -27.83 5.50 11.80
C ARG A 225 -27.50 4.11 11.26
N ASP A 226 -26.49 4.02 10.37
CA ASP A 226 -26.00 2.71 9.92
C ASP A 226 -25.63 1.82 11.11
N ASN A 227 -24.87 2.37 12.07
CA ASN A 227 -24.45 1.59 13.23
C ASN A 227 -25.64 1.22 14.12
N LEU A 228 -26.53 2.18 14.43
CA LEU A 228 -27.65 1.87 15.31
C LEU A 228 -28.52 0.76 14.73
N THR A 229 -28.74 0.77 13.40
CA THR A 229 -29.53 -0.27 12.76
C THR A 229 -28.88 -1.64 12.95
N LEU A 230 -27.59 -1.73 12.67
CA LEU A 230 -26.86 -2.98 12.89
C LEU A 230 -26.86 -3.37 14.35
N TRP A 231 -26.63 -2.40 15.24
CA TRP A 231 -26.45 -2.70 16.66
C TRP A 231 -27.74 -3.22 17.29
N THR A 232 -28.88 -2.65 16.89
CA THR A 232 -30.17 -3.09 17.42
C THR A 232 -30.74 -4.21 16.56
N SER A 233 -29.95 -5.30 16.51
CA SER A 233 -30.13 -6.43 15.59
C SER A 233 -30.63 -6.00 14.22
N HIS B 3 21.22 -19.62 6.67
CA HIS B 3 21.28 -19.67 8.13
C HIS B 3 19.89 -19.59 8.75
N MET B 4 19.03 -18.69 8.27
CA MET B 4 17.64 -18.68 8.73
C MET B 4 16.85 -19.78 8.04
N ASP B 5 15.96 -20.44 8.77
CA ASP B 5 15.19 -21.53 8.18
C ASP B 5 14.39 -21.00 6.99
N LYS B 6 14.63 -21.57 5.80
CA LYS B 6 14.01 -21.07 4.58
C LYS B 6 12.51 -21.32 4.56
N ASN B 7 12.04 -22.41 5.16
CA ASN B 7 10.59 -22.64 5.22
C ASN B 7 9.88 -21.55 6.00
N GLU B 8 10.53 -21.00 7.03
CA GLU B 8 9.91 -19.93 7.79
C GLU B 8 9.83 -18.64 6.98
N LEU B 9 10.90 -18.31 6.24
CA LEU B 9 10.90 -17.11 5.41
C LEU B 9 9.86 -17.18 4.30
N VAL B 10 9.65 -18.37 3.74
CA VAL B 10 8.63 -18.56 2.71
C VAL B 10 7.22 -18.49 3.30
N GLN B 11 7.03 -19.01 4.52
CA GLN B 11 5.75 -18.89 5.20
C GLN B 11 5.41 -17.43 5.49
N LYS B 12 6.34 -16.69 6.05
CA LYS B 12 6.11 -15.29 6.32
C LYS B 12 5.98 -14.48 5.04
N ALA B 13 6.67 -14.88 3.97
CA ALA B 13 6.46 -14.18 2.71
C ALA B 13 5.02 -14.30 2.25
N LYS B 14 4.40 -15.47 2.47
CA LYS B 14 2.99 -15.62 2.11
C LYS B 14 2.09 -14.86 3.07
N LEU B 15 2.44 -14.84 4.36
CA LEU B 15 1.71 -14.02 5.32
C LEU B 15 1.80 -12.54 4.95
N ALA B 16 3.01 -12.08 4.59
CA ALA B 16 3.21 -10.70 4.17
C ALA B 16 2.38 -10.37 2.95
N GLU B 17 2.35 -11.29 1.97
CA GLU B 17 1.57 -11.09 0.76
C GLU B 17 0.09 -10.89 1.09
N GLN B 18 -0.47 -11.76 1.93
CA GLN B 18 -1.87 -11.60 2.33
C GLN B 18 -2.10 -10.32 3.13
N ALA B 19 -1.12 -9.90 3.92
CA ALA B 19 -1.25 -8.67 4.68
C ALA B 19 -0.93 -7.42 3.85
N GLU B 20 -0.66 -7.56 2.55
CA GLU B 20 -0.27 -6.45 1.67
C GLU B 20 0.96 -5.72 2.20
N ARG B 21 1.92 -6.49 2.71
CA ARG B 21 3.17 -5.94 3.23
C ARG B 21 4.31 -6.39 2.33
N TYR B 22 4.35 -5.81 1.13
CA TYR B 22 5.21 -6.34 0.08
C TYR B 22 6.67 -6.06 0.35
N ASP B 23 6.99 -4.94 1.01
CA ASP B 23 8.36 -4.71 1.44
C ASP B 23 8.86 -5.87 2.29
N ASP B 24 8.07 -6.28 3.29
CA ASP B 24 8.37 -7.48 4.05
C ASP B 24 8.48 -8.71 3.16
N MET B 25 7.56 -8.83 2.19
CA MET B 25 7.55 -10.00 1.32
C MET B 25 8.83 -10.07 0.49
N ALA B 26 9.28 -8.93 -0.04
CA ALA B 26 10.57 -8.89 -0.74
C ALA B 26 11.72 -9.23 0.18
N ALA B 27 11.71 -8.71 1.40
CA ALA B 27 12.81 -8.99 2.31
C ALA B 27 12.93 -10.49 2.57
N CYS B 28 11.79 -11.19 2.76
CA CYS B 28 11.83 -12.63 3.02
C CYS B 28 12.46 -13.37 1.85
N MET B 29 12.01 -13.06 0.63
CA MET B 29 12.49 -13.75 -0.56
C MET B 29 13.90 -13.32 -0.93
N LYS B 30 14.34 -12.13 -0.49
CA LYS B 30 15.72 -11.73 -0.74
C LYS B 30 16.68 -12.56 0.11
N SER B 31 16.32 -12.82 1.38
CA SER B 31 17.14 -13.69 2.23
C SER B 31 17.11 -15.15 1.78
N VAL B 32 15.99 -15.61 1.24
CA VAL B 32 15.97 -16.96 0.67
C VAL B 32 16.96 -17.06 -0.47
N THR B 33 16.81 -16.16 -1.46
CA THR B 33 17.69 -16.14 -2.62
C THR B 33 19.16 -16.02 -2.20
N GLU B 34 19.45 -15.20 -1.19
CA GLU B 34 20.83 -15.01 -0.79
C GLU B 34 21.41 -16.21 -0.06
N GLN B 35 20.64 -17.27 0.17
CA GLN B 35 21.23 -18.48 0.71
C GLN B 35 21.93 -19.31 -0.36
N GLY B 36 21.96 -18.84 -1.60
CA GLY B 36 22.79 -19.38 -2.64
C GLY B 36 22.18 -20.55 -3.39
N ALA B 37 21.26 -21.27 -2.78
CA ALA B 37 20.62 -22.37 -3.49
C ALA B 37 19.62 -21.86 -4.53
N GLU B 38 19.38 -22.69 -5.53
CA GLU B 38 18.47 -22.36 -6.61
C GLU B 38 17.03 -22.46 -6.10
N LEU B 39 16.17 -21.57 -6.60
CA LEU B 39 14.83 -21.38 -6.06
C LEU B 39 13.85 -22.36 -6.70
N SER B 40 12.96 -22.91 -5.88
CA SER B 40 11.82 -23.66 -6.38
C SER B 40 10.88 -22.73 -7.16
N ASN B 41 9.93 -23.33 -7.87
CA ASN B 41 9.02 -22.52 -8.69
C ASN B 41 8.16 -21.63 -7.81
N GLU B 42 7.71 -22.16 -6.69
CA GLU B 42 6.99 -21.37 -5.70
C GLU B 42 7.83 -20.19 -5.23
N GLU B 43 9.05 -20.47 -4.75
CA GLU B 43 9.87 -19.40 -4.18
C GLU B 43 10.19 -18.34 -5.23
N ARG B 44 10.51 -18.79 -6.43
CA ARG B 44 10.73 -17.92 -7.58
C ARG B 44 9.51 -17.07 -7.89
N ASN B 45 8.32 -17.66 -7.78
CA ASN B 45 7.12 -16.89 -8.03
C ASN B 45 6.84 -15.92 -6.89
N LEU B 46 7.15 -16.31 -5.66
CA LEU B 46 7.00 -15.40 -4.53
C LEU B 46 7.93 -14.21 -4.67
N LEU B 47 9.21 -14.47 -4.99
CA LEU B 47 10.16 -13.40 -5.21
C LEU B 47 9.68 -12.46 -6.30
N SER B 48 9.07 -13.02 -7.34
CA SER B 48 8.66 -12.22 -8.48
C SER B 48 7.46 -11.33 -8.14
N VAL B 49 6.46 -11.88 -7.46
CA VAL B 49 5.32 -11.07 -7.01
C VAL B 49 5.77 -9.98 -6.05
N ALA B 50 6.62 -10.34 -5.08
CA ALA B 50 7.03 -9.38 -4.06
C ALA B 50 7.67 -8.16 -4.68
N TYR B 51 8.72 -8.38 -5.46
CA TYR B 51 9.42 -7.26 -6.07
C TYR B 51 8.54 -6.54 -7.09
N LYS B 52 7.74 -7.28 -7.85
CA LYS B 52 6.85 -6.63 -8.80
C LYS B 52 5.95 -5.61 -8.11
N ASN B 53 5.49 -5.93 -6.89
CA ASN B 53 4.65 -5.03 -6.12
C ASN B 53 5.44 -3.89 -5.48
N VAL B 54 6.64 -4.18 -4.99
CA VAL B 54 7.48 -3.15 -4.37
C VAL B 54 7.86 -2.10 -5.40
N VAL B 55 8.30 -2.53 -6.59
CA VAL B 55 8.61 -1.56 -7.64
C VAL B 55 7.33 -0.98 -8.25
N GLY B 56 6.25 -1.76 -8.27
CA GLY B 56 5.00 -1.23 -8.80
C GLY B 56 4.51 -0.02 -8.04
N ALA B 57 4.69 -0.02 -6.71
CA ALA B 57 4.21 1.11 -5.94
C ALA B 57 4.99 2.37 -6.30
N ARG B 58 6.31 2.26 -6.42
CA ARG B 58 7.12 3.41 -6.83
C ARG B 58 6.88 3.81 -8.27
N ARG B 59 6.58 2.85 -9.15
CA ARG B 59 6.29 3.22 -10.54
C ARG B 59 5.03 4.08 -10.60
N SER B 60 4.02 3.74 -9.80
CA SER B 60 2.79 4.52 -9.85
C SER B 60 2.96 5.88 -9.17
N SER B 61 3.64 5.93 -8.03
CA SER B 61 3.85 7.20 -7.35
C SER B 61 4.67 8.15 -8.22
N TRP B 62 5.67 7.61 -8.93
CA TRP B 62 6.50 8.44 -9.79
C TRP B 62 5.65 9.09 -10.87
N ARG B 63 4.76 8.33 -11.50
CA ARG B 63 3.89 8.90 -12.53
C ARG B 63 3.05 10.04 -11.98
N VAL B 64 2.48 9.86 -10.78
CA VAL B 64 1.59 10.87 -10.21
C VAL B 64 2.38 12.15 -9.97
N VAL B 65 3.51 12.04 -9.28
CA VAL B 65 4.30 13.21 -8.92
C VAL B 65 4.88 13.86 -10.16
N SER B 66 5.38 13.05 -11.11
CA SER B 66 5.91 13.59 -12.36
C SER B 66 4.82 14.27 -13.19
N SER B 67 3.58 13.81 -13.08
CA SER B 67 2.46 14.49 -13.72
C SER B 67 2.21 15.84 -13.07
N ILE B 68 2.45 15.96 -11.77
CA ILE B 68 2.27 17.25 -11.09
C ILE B 68 3.40 18.20 -11.44
N GLU B 69 4.63 17.67 -11.51
CA GLU B 69 5.80 18.47 -11.83
C GLU B 69 5.64 19.24 -13.13
N GLN B 70 4.80 18.76 -14.05
CA GLN B 70 4.64 19.43 -15.33
C GLN B 70 3.59 20.55 -15.29
N LYS B 71 2.93 20.76 -14.16
CA LYS B 71 1.91 21.80 -14.05
C LYS B 71 2.23 22.79 -12.93
N GLU B 76 7.33 28.38 -9.28
CA GLU B 76 8.75 28.05 -9.20
C GLU B 76 9.09 27.32 -7.91
N LYS B 77 8.38 27.61 -6.82
CA LYS B 77 8.58 26.87 -5.58
C LYS B 77 7.72 25.61 -5.53
N LYS B 78 6.53 25.63 -6.15
CA LYS B 78 5.74 24.40 -6.20
C LYS B 78 6.42 23.35 -7.05
N GLN B 79 6.86 23.72 -8.26
CA GLN B 79 7.52 22.77 -9.15
C GLN B 79 8.80 22.23 -8.54
N GLN B 80 9.53 23.08 -7.80
CA GLN B 80 10.76 22.64 -7.15
C GLN B 80 10.48 21.63 -6.03
N MET B 81 9.33 21.75 -5.37
CA MET B 81 8.93 20.77 -4.38
C MET B 81 8.53 19.45 -5.04
N ALA B 82 7.74 19.52 -6.12
CA ALA B 82 7.38 18.30 -6.84
C ALA B 82 8.60 17.58 -7.35
N ARG B 83 9.53 18.32 -7.97
CA ARG B 83 10.72 17.71 -8.55
C ARG B 83 11.56 17.02 -7.47
N GLU B 84 11.86 17.72 -6.38
CA GLU B 84 12.59 17.09 -5.28
C GLU B 84 11.92 15.79 -4.84
N TYR B 85 10.59 15.80 -4.70
CA TYR B 85 9.88 14.59 -4.32
C TYR B 85 10.00 13.53 -5.41
N ARG B 86 9.79 13.92 -6.67
CA ARG B 86 9.96 13.01 -7.80
C ARG B 86 11.34 12.37 -7.79
N GLU B 87 12.36 13.16 -7.47
CA GLU B 87 13.70 12.60 -7.42
C GLU B 87 13.86 11.66 -6.23
N LYS B 88 13.10 11.88 -5.15
CA LYS B 88 13.14 10.96 -4.02
C LYS B 88 12.54 9.60 -4.41
N ILE B 89 11.47 9.62 -5.19
CA ILE B 89 10.81 8.40 -5.64
C ILE B 89 11.70 7.64 -6.61
N GLU B 90 12.35 8.35 -7.55
CA GLU B 90 13.29 7.69 -8.46
C GLU B 90 14.41 7.03 -7.70
N THR B 91 14.94 7.68 -6.68
CA THR B 91 16.03 7.07 -5.93
C THR B 91 15.61 5.72 -5.35
N GLU B 92 14.39 5.65 -4.78
CA GLU B 92 13.89 4.37 -4.29
C GLU B 92 13.68 3.37 -5.42
N LEU B 93 13.20 3.86 -6.56
CA LEU B 93 12.94 2.98 -7.70
C LEU B 93 14.23 2.39 -8.23
N ARG B 94 15.30 3.19 -8.26
CA ARG B 94 16.57 2.69 -8.72
C ARG B 94 17.22 1.80 -7.69
N ASP B 95 16.95 2.03 -6.40
CA ASP B 95 17.44 1.11 -5.37
C ASP B 95 16.79 -0.27 -5.52
N ILE B 96 15.46 -0.32 -5.66
CA ILE B 96 14.76 -1.60 -5.81
C ILE B 96 15.24 -2.35 -7.05
N CYS B 97 15.27 -1.65 -8.20
CA CYS B 97 15.71 -2.32 -9.42
C CYS B 97 17.13 -2.84 -9.29
N ASN B 98 18.01 -2.07 -8.65
CA ASN B 98 19.39 -2.51 -8.50
C ASN B 98 19.48 -3.73 -7.60
N ASP B 99 18.70 -3.76 -6.52
CA ASP B 99 18.63 -4.94 -5.66
C ASP B 99 18.28 -6.19 -6.46
N VAL B 100 17.24 -6.08 -7.30
CA VAL B 100 16.79 -7.21 -8.10
C VAL B 100 17.85 -7.60 -9.14
N LEU B 101 18.35 -6.61 -9.88
CA LEU B 101 19.34 -6.89 -10.90
C LEU B 101 20.56 -7.55 -10.30
N SER B 102 20.95 -7.09 -9.11
CA SER B 102 22.07 -7.71 -8.43
C SER B 102 21.74 -9.12 -7.95
N LEU B 103 20.48 -9.39 -7.57
CA LEU B 103 20.11 -10.75 -7.18
C LEU B 103 20.14 -11.68 -8.38
N LEU B 104 19.74 -11.16 -9.55
CA LEU B 104 19.83 -11.94 -10.78
C LEU B 104 21.28 -12.23 -11.15
N GLU B 105 22.15 -11.21 -11.08
CA GLU B 105 23.55 -11.41 -11.47
C GLU B 105 24.26 -12.38 -10.52
N LYS B 106 24.05 -12.24 -9.22
CA LYS B 106 24.84 -13.03 -8.29
C LYS B 106 24.28 -14.43 -8.08
N PHE B 107 22.97 -14.61 -8.19
CA PHE B 107 22.38 -15.88 -7.78
C PHE B 107 21.50 -16.51 -8.86
N LEU B 108 20.45 -15.80 -9.27
CA LEU B 108 19.37 -16.45 -10.00
C LEU B 108 19.84 -16.92 -11.38
N ILE B 109 20.47 -16.05 -12.15
CA ILE B 109 20.93 -16.41 -13.49
C ILE B 109 22.08 -17.43 -13.41
N PRO B 110 23.14 -17.22 -12.63
CA PRO B 110 24.19 -18.26 -12.51
C PRO B 110 23.71 -19.62 -11.99
N ASN B 111 22.60 -19.67 -11.23
CA ASN B 111 22.10 -20.92 -10.67
C ASN B 111 21.14 -21.65 -11.59
N ALA B 112 20.69 -21.01 -12.68
CA ALA B 112 19.56 -21.55 -13.44
C ALA B 112 20.00 -22.84 -14.11
N SER B 113 19.56 -23.98 -13.55
CA SER B 113 19.92 -25.29 -14.08
C SER B 113 19.39 -25.49 -15.49
N GLN B 114 18.11 -25.21 -15.74
CA GLN B 114 17.52 -25.53 -17.03
C GLN B 114 17.03 -24.30 -17.77
N ALA B 115 16.73 -24.51 -19.04
CA ALA B 115 16.40 -23.43 -19.96
C ALA B 115 15.14 -22.68 -19.53
N GLU B 116 14.18 -23.40 -18.94
CA GLU B 116 13.00 -22.77 -18.38
C GLU B 116 13.39 -21.71 -17.34
N SER B 117 14.20 -22.10 -16.35
CA SER B 117 14.70 -21.17 -15.33
C SER B 117 15.47 -20.01 -15.95
N LYS B 118 16.43 -20.33 -16.83
CA LYS B 118 17.27 -19.30 -17.41
C LYS B 118 16.44 -18.25 -18.15
N VAL B 119 15.41 -18.68 -18.86
CA VAL B 119 14.60 -17.73 -19.64
C VAL B 119 13.78 -16.85 -18.70
N PHE B 120 13.29 -17.42 -17.61
CA PHE B 120 12.56 -16.66 -16.63
C PHE B 120 13.42 -15.53 -16.08
N TYR B 121 14.61 -15.85 -15.60
CA TYR B 121 15.44 -14.85 -14.95
C TYR B 121 15.95 -13.81 -15.95
N LEU B 122 16.25 -14.22 -17.19
CA LEU B 122 16.71 -13.24 -18.18
C LEU B 122 15.56 -12.34 -18.63
N LYS B 123 14.31 -12.83 -18.60
CA LYS B 123 13.18 -11.94 -18.78
C LYS B 123 13.06 -10.96 -17.62
N MET B 124 13.22 -11.44 -16.39
CA MET B 124 13.17 -10.57 -15.23
C MET B 124 14.19 -9.43 -15.34
N LYS B 125 15.41 -9.75 -15.78
CA LYS B 125 16.43 -8.71 -15.97
C LYS B 125 16.01 -7.70 -17.04
N GLY B 126 15.44 -8.16 -18.15
CA GLY B 126 14.87 -7.22 -19.11
C GLY B 126 13.80 -6.35 -18.48
N ASP B 127 12.94 -6.96 -17.64
CA ASP B 127 11.84 -6.23 -17.03
C ASP B 127 12.34 -5.11 -16.13
N TYR B 128 13.34 -5.40 -15.29
CA TYR B 128 13.81 -4.42 -14.33
C TYR B 128 14.72 -3.36 -14.95
N TYR B 129 15.47 -3.69 -16.01
CA TYR B 129 16.07 -2.62 -16.80
C TYR B 129 15.00 -1.79 -17.51
N ARG B 130 13.91 -2.43 -17.98
CA ARG B 130 12.83 -1.68 -18.59
C ARG B 130 12.26 -0.64 -17.64
N TYR B 131 12.06 -1.02 -16.36
CA TYR B 131 11.50 -0.09 -15.36
C TYR B 131 12.47 1.05 -15.06
N LEU B 132 13.76 0.75 -14.96
CA LEU B 132 14.77 1.79 -14.89
C LEU B 132 14.62 2.76 -16.05
N ALA B 133 14.45 2.21 -17.26
CA ALA B 133 14.38 3.01 -18.47
C ALA B 133 13.24 4.03 -18.43
N GLU B 134 12.08 3.64 -17.85
CA GLU B 134 10.93 4.52 -17.77
C GLU B 134 11.22 5.80 -16.99
N VAL B 135 12.27 5.81 -16.19
CA VAL B 135 12.60 6.96 -15.35
C VAL B 135 13.95 7.57 -15.66
N ALA B 136 14.81 6.90 -16.44
CA ALA B 136 16.20 7.31 -16.61
C ALA B 136 16.33 8.39 -17.68
N ALA B 137 17.44 9.14 -17.57
CA ALA B 137 17.74 10.25 -18.47
C ALA B 137 19.19 10.15 -18.96
N GLY B 138 19.41 10.70 -20.15
CA GLY B 138 20.75 10.92 -20.68
C GLY B 138 21.54 9.65 -20.89
N ASP B 139 22.86 9.78 -20.69
CA ASP B 139 23.80 8.68 -20.93
C ASP B 139 23.43 7.43 -20.14
N ASP B 140 23.13 7.63 -18.85
CA ASP B 140 22.60 6.58 -18.00
C ASP B 140 21.53 5.77 -18.73
N LYS B 141 20.57 6.47 -19.35
CA LYS B 141 19.42 5.83 -19.97
C LYS B 141 19.82 4.94 -21.15
N LYS B 142 20.63 5.48 -22.06
CA LYS B 142 21.02 4.71 -23.23
C LYS B 142 21.62 3.37 -22.86
N GLY B 143 22.54 3.36 -21.89
CA GLY B 143 23.08 2.11 -21.40
C GLY B 143 22.02 1.23 -20.78
N ILE B 144 21.07 1.83 -20.04
CA ILE B 144 19.98 1.08 -19.43
C ILE B 144 19.11 0.39 -20.48
N VAL B 145 18.65 1.15 -21.48
CA VAL B 145 17.80 0.61 -22.54
C VAL B 145 18.50 -0.53 -23.26
N ASP B 146 19.80 -0.37 -23.49
CA ASP B 146 20.59 -1.40 -24.16
C ASP B 146 20.61 -2.70 -23.36
N GLN B 147 20.88 -2.60 -22.05
CA GLN B 147 20.91 -3.78 -21.20
C GLN B 147 19.58 -4.54 -21.26
N SER B 148 18.48 -3.80 -21.37
CA SER B 148 17.15 -4.41 -21.42
C SER B 148 16.97 -5.22 -22.69
N GLN B 149 17.24 -4.60 -23.84
CA GLN B 149 17.12 -5.31 -25.11
C GLN B 149 18.00 -6.56 -25.13
N GLN B 150 19.20 -6.48 -24.57
CA GLN B 150 20.08 -7.66 -24.55
C GLN B 150 19.49 -8.77 -23.70
N ALA B 151 18.98 -8.45 -22.51
CA ALA B 151 18.45 -9.50 -21.64
C ALA B 151 17.26 -10.20 -22.30
N TYR B 152 16.27 -9.43 -22.73
CA TYR B 152 15.13 -9.96 -23.47
C TYR B 152 15.55 -10.76 -24.71
N GLN B 153 16.45 -10.18 -25.54
CA GLN B 153 16.80 -10.84 -26.80
C GLN B 153 17.47 -12.19 -26.57
N GLU B 154 18.41 -12.26 -25.62
CA GLU B 154 19.04 -13.54 -25.33
C GLU B 154 18.03 -14.55 -24.81
N ALA B 155 17.14 -14.13 -23.89
CA ALA B 155 16.11 -15.02 -23.39
C ALA B 155 15.25 -15.57 -24.53
N PHE B 156 14.94 -14.72 -25.51
CA PHE B 156 14.15 -15.16 -26.65
C PHE B 156 14.85 -16.31 -27.36
N GLU B 157 16.11 -16.10 -27.74
CA GLU B 157 16.85 -17.12 -28.47
C GLU B 157 16.92 -18.41 -27.66
N ILE B 158 17.11 -18.32 -26.35
CA ILE B 158 17.10 -19.57 -25.58
C ILE B 158 15.72 -20.21 -25.64
N SER B 159 14.66 -19.39 -25.76
CA SER B 159 13.32 -19.94 -25.70
C SER B 159 12.90 -20.54 -27.04
N LYS B 160 13.27 -19.89 -28.15
CA LYS B 160 13.07 -20.51 -29.46
C LYS B 160 13.74 -21.88 -29.53
N LYS B 161 14.95 -22.00 -28.98
CA LYS B 161 15.69 -23.24 -29.15
C LYS B 161 15.22 -24.32 -28.20
N GLU B 162 14.99 -24.00 -26.94
CA GLU B 162 14.84 -25.03 -25.93
C GLU B 162 13.44 -25.20 -25.39
N MET B 163 12.46 -24.43 -25.87
CA MET B 163 11.18 -24.40 -25.21
C MET B 163 10.06 -24.57 -26.22
N GLN B 164 9.09 -25.42 -25.87
CA GLN B 164 7.88 -25.53 -26.66
C GLN B 164 7.17 -24.17 -26.68
N PRO B 165 6.71 -23.71 -27.84
CA PRO B 165 6.04 -22.38 -27.88
C PRO B 165 4.82 -22.34 -26.98
N THR B 166 4.24 -23.50 -26.68
CA THR B 166 3.30 -23.80 -25.60
C THR B 166 3.66 -23.15 -24.24
N HIS B 167 4.95 -23.01 -23.95
CA HIS B 167 5.38 -22.75 -22.57
C HIS B 167 4.90 -21.38 -22.10
N PRO B 168 4.22 -21.30 -20.96
CA PRO B 168 3.82 -19.97 -20.44
C PRO B 168 5.00 -19.02 -20.24
N ILE B 169 6.08 -19.49 -19.62
CA ILE B 169 7.29 -18.68 -19.45
C ILE B 169 7.77 -18.10 -20.78
N ARG B 170 7.77 -18.91 -21.84
CA ARG B 170 8.12 -18.39 -23.17
C ARG B 170 7.11 -17.37 -23.66
N LEU B 171 5.83 -17.57 -23.35
CA LEU B 171 4.79 -16.65 -23.82
C LEU B 171 4.81 -15.33 -23.05
N GLY B 172 4.98 -15.40 -21.73
CA GLY B 172 5.14 -14.18 -20.95
C GLY B 172 6.34 -13.35 -21.41
N LEU B 173 7.43 -14.04 -21.79
CA LEU B 173 8.59 -13.33 -22.31
C LEU B 173 8.24 -12.56 -23.58
N ALA B 174 7.54 -13.23 -24.50
CA ALA B 174 7.20 -12.58 -25.76
C ALA B 174 6.31 -11.36 -25.53
N LEU B 175 5.39 -11.46 -24.56
CA LEU B 175 4.52 -10.35 -24.20
C LEU B 175 5.31 -9.11 -23.74
N ASN B 176 6.19 -9.30 -22.74
CA ASN B 176 6.91 -8.15 -22.18
C ASN B 176 7.94 -7.59 -23.16
N PHE B 177 8.63 -8.46 -23.91
CA PHE B 177 9.57 -7.99 -24.93
C PHE B 177 8.84 -7.13 -25.97
N SER B 178 7.68 -7.61 -26.44
CA SER B 178 6.88 -6.81 -27.36
C SER B 178 6.44 -5.49 -26.74
N VAL B 179 6.17 -5.47 -25.43
CA VAL B 179 5.84 -4.20 -24.80
C VAL B 179 7.07 -3.33 -24.67
N PHE B 180 8.24 -3.92 -24.41
CA PHE B 180 9.48 -3.16 -24.42
C PHE B 180 9.68 -2.46 -25.77
N TYR B 181 9.51 -3.21 -26.87
CA TYR B 181 9.56 -2.59 -28.18
C TYR B 181 8.51 -1.48 -28.29
N TYR B 182 7.24 -1.81 -28.01
CA TYR B 182 6.18 -0.82 -28.10
C TYR B 182 6.47 0.39 -27.20
N GLU B 183 6.51 0.18 -25.89
CA GLU B 183 6.51 1.31 -24.96
C GLU B 183 7.88 1.98 -24.86
N ILE B 184 8.96 1.22 -24.82
CA ILE B 184 10.26 1.83 -24.58
C ILE B 184 10.97 2.20 -25.89
N LEU B 185 10.76 1.44 -26.96
CA LEU B 185 11.48 1.68 -28.19
C LEU B 185 10.61 2.17 -29.35
N ASN B 186 9.31 2.41 -29.11
CA ASN B 186 8.42 3.06 -30.09
C ASN B 186 8.38 2.34 -31.44
N SER B 187 8.50 1.01 -31.44
CA SER B 187 8.40 0.22 -32.66
C SER B 187 7.10 -0.58 -32.61
N PRO B 188 5.98 0.02 -33.02
CA PRO B 188 4.74 -0.75 -33.00
C PRO B 188 4.78 -1.94 -33.93
N GLU B 189 5.59 -1.84 -35.00
CA GLU B 189 5.69 -2.92 -35.96
C GLU B 189 6.57 -4.06 -35.45
N LYS B 190 7.55 -3.77 -34.60
CA LYS B 190 8.31 -4.86 -33.95
C LYS B 190 7.51 -5.53 -32.85
N ALA B 191 6.53 -4.83 -32.28
CA ALA B 191 5.73 -5.36 -31.20
C ALA B 191 4.70 -6.37 -31.69
N CYS B 192 3.80 -5.94 -32.60
CA CYS B 192 2.73 -6.82 -33.03
C CYS B 192 3.30 -8.06 -33.73
N SER B 193 4.37 -7.87 -34.49
CA SER B 193 5.04 -8.97 -35.16
C SER B 193 5.50 -10.01 -34.14
N LEU B 194 6.25 -9.55 -33.14
CA LEU B 194 6.62 -10.42 -32.04
C LEU B 194 5.40 -11.11 -31.46
N ALA B 195 4.40 -10.31 -31.06
CA ALA B 195 3.19 -10.85 -30.44
C ALA B 195 2.44 -11.78 -31.38
N LYS B 196 2.18 -11.32 -32.62
CA LYS B 196 1.49 -12.18 -33.58
C LYS B 196 2.17 -13.54 -33.71
N THR B 197 3.50 -13.54 -33.85
CA THR B 197 4.26 -14.76 -34.10
C THR B 197 4.17 -15.74 -32.93
N ALA B 198 4.44 -15.25 -31.71
CA ALA B 198 4.46 -16.14 -30.55
C ALA B 198 3.09 -16.71 -30.26
N PHE B 199 2.03 -15.96 -30.58
CA PHE B 199 0.68 -16.47 -30.38
C PHE B 199 0.44 -17.71 -31.24
N ASP B 200 0.53 -17.56 -32.56
CA ASP B 200 0.11 -18.67 -33.41
C ASP B 200 1.12 -19.82 -33.41
N GLU B 201 2.37 -19.57 -32.99
CA GLU B 201 3.27 -20.70 -32.75
C GLU B 201 2.72 -21.62 -31.67
N ALA B 202 2.02 -21.06 -30.68
CA ALA B 202 1.51 -21.84 -29.55
C ALA B 202 0.15 -22.47 -29.82
N ILE B 203 -0.76 -21.74 -30.50
CA ILE B 203 -2.08 -22.31 -30.78
C ILE B 203 -1.96 -23.50 -31.72
N ALA B 204 -0.97 -23.48 -32.62
CA ALA B 204 -0.71 -24.62 -33.51
C ALA B 204 -0.44 -25.91 -32.73
N GLU B 205 0.10 -25.78 -31.51
CA GLU B 205 0.41 -26.91 -30.63
C GLU B 205 -0.35 -26.78 -29.31
N LEU B 206 -1.57 -26.25 -29.40
CA LEU B 206 -2.42 -26.08 -28.22
C LEU B 206 -2.87 -27.41 -27.64
N ASP B 207 -3.01 -28.44 -28.50
CA ASP B 207 -3.47 -29.76 -28.08
C ASP B 207 -2.45 -30.48 -27.17
N THR B 208 -1.15 -30.25 -27.39
CA THR B 208 -0.12 -30.86 -26.57
C THR B 208 -0.10 -30.31 -25.13
N LEU B 209 -0.65 -29.12 -24.90
CA LEU B 209 -0.62 -28.47 -23.60
C LEU B 209 -1.12 -29.38 -22.49
N SER B 210 -0.39 -29.38 -21.37
CA SER B 210 -0.78 -30.11 -20.18
C SER B 210 -1.78 -29.30 -19.33
N GLU B 211 -2.57 -30.01 -18.55
CA GLU B 211 -3.67 -29.40 -17.80
C GLU B 211 -3.17 -28.51 -16.66
N GLU B 212 -1.99 -28.78 -16.12
CA GLU B 212 -1.39 -27.91 -15.12
C GLU B 212 -0.81 -26.64 -15.73
N SER B 213 -0.76 -26.52 -17.06
CA SER B 213 -0.28 -25.33 -17.74
C SER B 213 -1.26 -24.75 -18.77
N TYR B 214 -2.47 -25.30 -18.88
CA TYR B 214 -3.37 -24.87 -19.95
C TYR B 214 -3.86 -23.42 -19.75
N LYS B 215 -4.40 -23.13 -18.57
CA LYS B 215 -4.94 -21.78 -18.33
C LYS B 215 -3.85 -20.71 -18.35
N ASP B 216 -2.68 -21.00 -17.74
CA ASP B 216 -1.60 -20.02 -17.72
C ASP B 216 -1.18 -19.64 -19.14
N SER B 217 -1.08 -20.61 -20.05
CA SER B 217 -0.66 -20.31 -21.41
C SER B 217 -1.75 -19.57 -22.17
N THR B 218 -3.00 -20.02 -22.05
CA THR B 218 -4.09 -19.42 -22.82
C THR B 218 -4.38 -17.99 -22.36
N LEU B 219 -4.25 -17.72 -21.05
CA LEU B 219 -4.36 -16.34 -20.58
C LEU B 219 -3.36 -15.43 -21.25
N ILE B 220 -2.06 -15.79 -21.19
CA ILE B 220 -1.03 -14.95 -21.81
C ILE B 220 -1.32 -14.78 -23.28
N MET B 221 -1.73 -15.88 -23.93
CA MET B 221 -2.13 -15.83 -25.33
C MET B 221 -3.24 -14.83 -25.56
N GLN B 222 -4.24 -14.79 -24.65
CA GLN B 222 -5.27 -13.77 -24.77
C GLN B 222 -4.67 -12.38 -24.68
N LEU B 223 -3.86 -12.13 -23.63
CA LEU B 223 -3.25 -10.82 -23.45
C LEU B 223 -2.33 -10.44 -24.61
N LEU B 224 -1.65 -11.42 -25.22
CA LEU B 224 -0.98 -11.16 -26.49
C LEU B 224 -1.93 -10.54 -27.51
N ARG B 225 -3.08 -11.19 -27.73
CA ARG B 225 -4.07 -10.65 -28.66
C ARG B 225 -4.60 -9.30 -28.16
N ASP B 226 -4.80 -9.17 -26.84
CA ASP B 226 -5.31 -7.93 -26.28
C ASP B 226 -4.40 -6.75 -26.59
N ASN B 227 -3.10 -6.90 -26.31
CA ASN B 227 -2.13 -5.86 -26.66
C ASN B 227 -2.14 -5.57 -28.16
N LEU B 228 -2.35 -6.61 -28.98
CA LEU B 228 -2.48 -6.42 -30.42
C LEU B 228 -3.60 -5.45 -30.76
N THR B 229 -4.81 -5.72 -30.24
CA THR B 229 -5.96 -4.87 -30.55
C THR B 229 -5.69 -3.41 -30.21
N LEU B 230 -5.10 -3.14 -29.04
CA LEU B 230 -4.79 -1.77 -28.66
C LEU B 230 -3.67 -1.21 -29.52
N TRP B 231 -2.63 -2.00 -29.77
CA TRP B 231 -1.57 -1.59 -30.68
C TRP B 231 -2.09 -1.36 -32.10
N SER C 2 -18.30 -2.66 13.51
CA SER C 2 -18.85 -1.30 13.57
C SER C 2 -18.06 -0.36 12.68
N ILE C 3 -18.77 0.62 12.12
CA ILE C 3 -18.21 1.63 11.26
C ILE C 3 -17.74 2.87 12.04
N LEU C 5 -15.43 6.66 11.94
CA LEU C 5 -15.32 7.78 10.98
C LEU C 5 -14.23 7.54 9.93
N PRO C 6 -14.57 7.73 8.66
CA PRO C 6 -13.59 7.54 7.58
C PRO C 6 -12.76 8.79 7.34
N VAL C 7 -11.79 8.71 6.44
CA VAL C 7 -10.90 9.85 6.18
C VAL C 7 -11.61 11.06 5.55
N SER D 2 -0.23 -0.23 -22.69
CA SER D 2 -0.07 -1.63 -23.05
C SER D 2 -0.17 -2.51 -21.80
N ILE D 3 -0.27 -3.82 -22.00
CA ILE D 3 -0.47 -4.73 -20.88
C ILE D 3 0.71 -5.68 -20.69
N LEU D 5 2.92 -8.55 -18.49
CA LEU D 5 2.49 -9.75 -17.79
C LEU D 5 2.10 -9.46 -16.34
N PRO D 6 0.84 -9.78 -15.97
CA PRO D 6 0.33 -9.35 -14.66
C PRO D 6 0.81 -10.24 -13.51
N VAL D 7 1.06 -11.52 -13.76
CA VAL D 7 1.59 -12.43 -12.75
C VAL D 7 2.63 -13.34 -13.39
N PRO D 8 3.71 -13.70 -12.69
CA PRO D 8 4.79 -14.51 -13.28
C PRO D 8 4.34 -15.94 -13.55
#